data_3HOK
#
_entry.id   3HOK
#
_cell.length_a   55.072
_cell.length_b   54.592
_cell.length_c   71.884
_cell.angle_alpha   90.00
_cell.angle_beta   94.641
_cell.angle_gamma   90.00
#
_symmetry.space_group_name_H-M   'P 1 21 1'
#
loop_
_entity.id
_entity.type
_entity.pdbx_description
1 polymer 'Heme oxygenase 1'
2 non-polymer 'PROTOPORPHYRIN IX CONTAINING FE'
3 non-polymer 2-({[(2R,4S)-2-[2-(4-chlorophenyl)ethyl]-2-(1H-imidazol-1-ylmethyl)-1,3-dioxolan-4-yl]methyl}sulfanyl)-5-(trifluoromethyl)pyridine
4 water water
#
_entity_poly.entity_id   1
_entity_poly.type   'polypeptide(L)'
_entity_poly.pdbx_seq_one_letter_code
;MERPQPDSMPQDLSEALKEATKEVHTQAENAEFMRNFQKGQVTRDGFKLVMASLYHIYVALEEEIERNKESPVFAPVYFP
EELHRKAALEQDLAFWYGPRWQEVIPYTPAMQRYVKRLHEVGRTEPELLVAHAYTRYLGDLSGGQVLKKIAQKALDLPSS
GEGLAFFTFPNIASATKFKQLYRSRMNSLEMTPAVRQRVIEEAKTAFLLNIQLFEELQELLTHDTKDQSPSRA
;
_entity_poly.pdbx_strand_id   A,B
#
# COMPACT_ATOMS: atom_id res chain seq x y z
N PRO A 10 -6.62 28.72 -21.68
CA PRO A 10 -6.35 29.92 -20.87
C PRO A 10 -4.86 30.08 -20.64
N GLN A 11 -4.48 30.78 -19.58
CA GLN A 11 -3.07 30.96 -19.27
C GLN A 11 -2.66 30.13 -18.07
N ASP A 12 -3.64 29.46 -17.45
CA ASP A 12 -3.37 28.52 -16.37
C ASP A 12 -3.24 27.12 -16.96
N LEU A 13 -2.07 26.53 -16.79
CA LEU A 13 -1.79 25.21 -17.35
C LEU A 13 -2.93 24.22 -17.13
N SER A 14 -3.44 24.16 -15.90
CA SER A 14 -4.51 23.23 -15.58
C SER A 14 -5.70 23.41 -16.51
N GLU A 15 -6.10 24.67 -16.73
CA GLU A 15 -7.24 24.98 -17.59
C GLU A 15 -6.91 24.71 -19.07
N ALA A 16 -5.66 24.96 -19.46
CA ALA A 16 -5.21 24.61 -20.79
C ALA A 16 -5.38 23.10 -21.03
N LEU A 17 -4.93 22.31 -20.05
CA LEU A 17 -5.00 20.86 -20.13
C LEU A 17 -6.43 20.38 -20.28
N LYS A 18 -7.31 20.85 -19.40
CA LYS A 18 -8.72 20.44 -19.41
C LYS A 18 -9.42 20.76 -20.74
N GLU A 19 -9.08 21.91 -21.32
CA GLU A 19 -9.71 22.38 -22.55
C GLU A 19 -9.24 21.58 -23.76
N ALA A 20 -7.93 21.56 -23.96
CA ALA A 20 -7.31 20.80 -25.04
C ALA A 20 -7.84 19.37 -25.11
N THR A 21 -7.49 18.59 -24.10
CA THR A 21 -7.81 17.16 -24.07
C THR A 21 -9.31 16.86 -24.01
N LYS A 22 -10.14 17.86 -24.25
CA LYS A 22 -11.58 17.69 -24.08
C LYS A 22 -12.21 16.72 -25.08
N GLU A 23 -11.81 16.83 -26.34
CA GLU A 23 -12.35 15.95 -27.39
C GLU A 23 -11.84 14.52 -27.28
N VAL A 24 -10.53 14.34 -27.17
CA VAL A 24 -9.98 13.00 -26.99
C VAL A 24 -10.65 12.36 -25.77
N HIS A 25 -10.82 13.14 -24.71
CA HIS A 25 -11.47 12.66 -23.51
C HIS A 25 -12.87 12.17 -23.80
N THR A 26 -13.56 12.86 -24.70
CA THR A 26 -14.91 12.47 -25.12
C THR A 26 -14.89 11.23 -26.00
N GLN A 27 -13.76 10.97 -26.64
CA GLN A 27 -13.62 9.77 -27.45
C GLN A 27 -13.60 8.54 -26.55
N ALA A 28 -12.94 8.67 -25.40
CA ALA A 28 -12.85 7.59 -24.42
C ALA A 28 -14.20 7.31 -23.77
N GLU A 29 -14.97 8.38 -23.56
CA GLU A 29 -16.35 8.27 -23.07
C GLU A 29 -17.18 7.38 -23.99
N ASN A 30 -16.81 7.33 -25.27
CA ASN A 30 -17.60 6.60 -26.26
C ASN A 30 -16.98 5.27 -26.68
N ALA A 31 -15.72 5.05 -26.28
CA ALA A 31 -15.04 3.80 -26.58
C ALA A 31 -15.92 2.61 -26.17
N GLU A 32 -15.87 1.55 -26.97
CA GLU A 32 -16.70 0.39 -26.72
C GLU A 32 -16.44 -0.19 -25.32
N PHE A 33 -15.17 -0.19 -24.91
CA PHE A 33 -14.79 -0.80 -23.65
C PHE A 33 -15.27 0.00 -22.45
N MET A 34 -15.23 1.32 -22.56
CA MET A 34 -15.75 2.19 -21.51
C MET A 34 -17.16 2.64 -21.88
N ARG A 35 -18.11 1.80 -21.48
CA ARG A 35 -19.50 1.89 -21.87
C ARG A 35 -20.07 0.59 -21.37
N ASN A 36 -19.29 -0.47 -21.58
CA ASN A 36 -19.53 -1.76 -20.94
C ASN A 36 -18.92 -1.71 -19.55
N PHE A 37 -17.85 -0.91 -19.43
CA PHE A 37 -17.13 -0.75 -18.18
C PHE A 37 -17.88 0.18 -17.22
N GLN A 38 -19.05 0.64 -17.67
CA GLN A 38 -19.92 1.47 -16.83
C GLN A 38 -21.33 0.90 -16.88
N LYS A 39 -21.75 0.45 -18.06
CA LYS A 39 -23.01 -0.27 -18.19
C LYS A 39 -22.97 -1.44 -17.23
N GLY A 40 -21.84 -1.57 -16.54
CA GLY A 40 -21.64 -2.61 -15.54
C GLY A 40 -21.70 -4.00 -16.14
N GLN A 41 -20.76 -4.30 -17.02
CA GLN A 41 -20.69 -5.64 -17.59
C GLN A 41 -19.35 -5.95 -18.22
N VAL A 42 -18.28 -5.54 -17.54
CA VAL A 42 -16.95 -5.96 -17.95
C VAL A 42 -16.59 -7.20 -17.12
N THR A 43 -16.28 -8.29 -17.80
CA THR A 43 -16.03 -9.57 -17.15
C THR A 43 -14.95 -9.48 -16.06
N ARG A 44 -14.94 -10.46 -15.15
CA ARG A 44 -13.90 -10.53 -14.15
C ARG A 44 -12.55 -10.60 -14.85
N ASP A 45 -12.53 -11.25 -16.01
CA ASP A 45 -11.34 -11.32 -16.85
C ASP A 45 -10.94 -9.92 -17.31
N GLY A 46 -11.92 -9.15 -17.76
CA GLY A 46 -11.70 -7.78 -18.23
C GLY A 46 -11.22 -6.86 -17.13
N PHE A 47 -11.83 -6.97 -15.95
CA PHE A 47 -11.42 -6.16 -14.80
C PHE A 47 -9.97 -6.40 -14.44
N LYS A 48 -9.56 -7.66 -14.48
CA LYS A 48 -8.20 -8.06 -14.08
C LYS A 48 -7.17 -7.53 -15.08
N LEU A 49 -7.57 -7.42 -16.35
CA LEU A 49 -6.73 -6.84 -17.39
C LEU A 49 -6.57 -5.34 -17.19
N VAL A 50 -7.61 -4.68 -16.72
CA VAL A 50 -7.52 -3.28 -16.34
C VAL A 50 -6.51 -3.08 -15.20
N MET A 51 -6.70 -3.82 -14.11
CA MET A 51 -5.79 -3.75 -12.97
C MET A 51 -4.37 -4.03 -13.36
N ALA A 52 -4.18 -5.06 -14.17
CA ALA A 52 -2.86 -5.43 -14.62
C ALA A 52 -2.28 -4.27 -15.41
N SER A 53 -3.11 -3.66 -16.27
CA SER A 53 -2.72 -2.50 -17.07
C SER A 53 -2.28 -1.33 -16.19
N LEU A 54 -3.08 -1.01 -15.18
CA LEU A 54 -2.73 0.06 -14.26
C LEU A 54 -1.41 -0.18 -13.57
N TYR A 55 -1.16 -1.42 -13.18
CA TYR A 55 0.04 -1.75 -12.46
C TYR A 55 1.26 -1.35 -13.28
N HIS A 56 1.30 -1.85 -14.52
CA HIS A 56 2.46 -1.63 -15.39
C HIS A 56 2.67 -0.17 -15.66
N ILE A 57 1.56 0.52 -15.93
CA ILE A 57 1.60 1.94 -16.15
C ILE A 57 2.15 2.66 -14.92
N TYR A 58 1.46 2.50 -13.79
CA TYR A 58 1.89 3.14 -12.53
C TYR A 58 3.33 2.84 -12.13
N VAL A 59 3.77 1.62 -12.35
CA VAL A 59 5.17 1.27 -12.10
C VAL A 59 6.10 2.17 -12.94
N ALA A 60 5.73 2.36 -14.21
CA ALA A 60 6.49 3.20 -15.13
C ALA A 60 6.46 4.65 -14.70
N LEU A 61 5.25 5.18 -14.58
CA LEU A 61 5.03 6.56 -14.17
C LEU A 61 5.78 6.87 -12.90
N GLU A 62 5.79 5.91 -11.98
CA GLU A 62 6.31 6.15 -10.64
C GLU A 62 7.83 5.95 -10.49
N GLU A 63 8.41 5.09 -11.32
CA GLU A 63 9.88 5.07 -11.45
C GLU A 63 10.39 6.42 -11.94
N GLU A 64 9.74 6.95 -12.98
CA GLU A 64 10.22 8.14 -13.67
C GLU A 64 9.93 9.39 -12.84
N ILE A 65 8.80 9.40 -12.14
CA ILE A 65 8.55 10.46 -11.19
C ILE A 65 9.65 10.49 -10.14
N GLU A 66 10.00 9.30 -9.64
CA GLU A 66 11.06 9.17 -8.64
C GLU A 66 12.41 9.62 -9.17
N ARG A 67 12.67 9.30 -10.44
CA ARG A 67 13.88 9.73 -11.11
C ARG A 67 13.90 11.25 -11.22
N ASN A 68 12.75 11.85 -11.52
CA ASN A 68 12.66 13.28 -11.76
C ASN A 68 12.23 14.14 -10.58
N LYS A 69 11.75 13.53 -9.51
CA LYS A 69 11.53 14.28 -8.28
C LYS A 69 12.86 14.99 -8.04
N GLU A 70 12.84 16.18 -7.48
CA GLU A 70 14.11 16.91 -7.27
C GLU A 70 14.36 17.91 -8.38
N SER A 71 13.78 17.67 -9.55
CA SER A 71 13.94 18.57 -10.69
C SER A 71 12.87 19.66 -10.74
N PRO A 72 13.29 20.88 -11.10
CA PRO A 72 12.38 22.02 -11.14
C PRO A 72 11.18 21.78 -12.03
N VAL A 73 11.33 20.93 -13.04
CA VAL A 73 10.23 20.66 -13.95
C VAL A 73 9.16 19.80 -13.27
N PHE A 74 9.52 19.10 -12.19
CA PHE A 74 8.55 18.24 -11.51
C PHE A 74 8.34 18.47 -10.00
N ALA A 75 9.38 18.94 -9.32
CA ALA A 75 9.32 19.07 -7.86
C ALA A 75 7.97 19.60 -7.36
N PRO A 76 7.49 20.71 -7.91
CA PRO A 76 6.31 21.39 -7.39
C PRO A 76 5.02 20.56 -7.43
N VAL A 77 4.97 19.53 -8.24
CA VAL A 77 3.77 18.70 -8.31
C VAL A 77 4.02 17.32 -7.71
N TYR A 78 5.09 17.21 -6.93
CA TYR A 78 5.47 15.96 -6.28
C TYR A 78 4.79 15.78 -4.92
N PHE A 79 3.81 14.87 -4.87
CA PHE A 79 3.10 14.49 -3.64
C PHE A 79 3.12 12.97 -3.51
N PRO A 80 4.26 12.40 -3.10
CA PRO A 80 4.40 10.93 -3.05
C PRO A 80 3.38 10.25 -2.15
N GLU A 81 3.21 10.72 -0.93
CA GLU A 81 2.28 10.04 -0.02
C GLU A 81 0.83 10.13 -0.48
N GLU A 82 0.40 11.28 -0.97
CA GLU A 82 -0.98 11.47 -1.42
C GLU A 82 -1.36 10.66 -2.68
N LEU A 83 -0.41 10.44 -3.57
CA LEU A 83 -0.74 9.92 -4.90
C LEU A 83 -0.25 8.50 -5.25
N HIS A 84 0.84 8.05 -4.65
CA HIS A 84 1.44 6.80 -5.11
C HIS A 84 0.41 5.66 -5.17
N ARG A 85 0.43 4.91 -6.27
CA ARG A 85 -0.55 3.86 -6.49
C ARG A 85 0.09 2.49 -6.59
N LYS A 86 1.41 2.43 -6.63
CA LYS A 86 2.05 1.14 -6.93
C LYS A 86 1.72 0.10 -5.87
N ALA A 87 1.96 0.43 -4.61
CA ALA A 87 1.65 -0.49 -3.50
C ALA A 87 0.19 -0.92 -3.53
N ALA A 88 -0.70 0.02 -3.80
CA ALA A 88 -2.13 -0.26 -3.80
C ALA A 88 -2.48 -1.29 -4.87
N LEU A 89 -1.80 -1.19 -6.02
CA LEU A 89 -2.04 -2.14 -7.12
C LEU A 89 -1.42 -3.52 -6.86
N GLU A 90 -0.24 -3.53 -6.25
CA GLU A 90 0.37 -4.78 -5.79
C GLU A 90 -0.58 -5.52 -4.84
N GLN A 91 -1.18 -4.79 -3.89
CA GLN A 91 -2.13 -5.43 -2.99
C GLN A 91 -3.27 -6.04 -3.80
N ASP A 92 -3.83 -5.25 -4.72
CA ASP A 92 -4.98 -5.67 -5.50
C ASP A 92 -4.68 -6.88 -6.41
N LEU A 93 -3.53 -6.85 -7.06
CA LEU A 93 -3.16 -7.89 -8.02
C LEU A 93 -2.90 -9.23 -7.32
N ALA A 94 -2.47 -9.17 -6.08
CA ALA A 94 -2.23 -10.36 -5.28
C ALA A 94 -3.56 -11.02 -4.96
N PHE A 95 -4.59 -10.20 -4.80
CA PHE A 95 -5.92 -10.72 -4.58
C PHE A 95 -6.54 -11.28 -5.88
N TRP A 96 -6.35 -10.56 -6.96
CA TRP A 96 -6.96 -10.96 -8.24
C TRP A 96 -6.19 -12.08 -8.93
N TYR A 97 -4.88 -12.07 -8.81
CA TYR A 97 -4.08 -13.05 -9.53
C TYR A 97 -3.41 -14.07 -8.60
N GLY A 98 -3.48 -13.81 -7.31
CA GLY A 98 -2.89 -14.72 -6.35
C GLY A 98 -1.45 -14.37 -6.04
N PRO A 99 -0.78 -15.22 -5.25
CA PRO A 99 0.53 -14.93 -4.66
C PRO A 99 1.64 -14.85 -5.68
N ARG A 100 1.42 -15.40 -6.86
CA ARG A 100 2.44 -15.33 -7.89
C ARG A 100 2.01 -14.42 -9.03
N TRP A 101 1.05 -13.54 -8.74
CA TRP A 101 0.57 -12.54 -9.68
C TRP A 101 1.69 -12.00 -10.55
N GLN A 102 2.85 -11.77 -9.95
CA GLN A 102 3.92 -11.12 -10.65
C GLN A 102 4.37 -11.87 -11.91
N GLU A 103 4.42 -13.19 -11.80
CA GLU A 103 4.77 -14.06 -12.92
C GLU A 103 3.66 -14.27 -13.95
N VAL A 104 2.40 -14.11 -13.54
CA VAL A 104 1.30 -14.48 -14.42
C VAL A 104 0.60 -13.33 -15.12
N ILE A 105 0.63 -12.14 -14.51
CA ILE A 105 -0.09 -11.01 -15.10
C ILE A 105 0.28 -10.81 -16.57
N PRO A 106 -0.71 -10.44 -17.38
CA PRO A 106 -0.40 -10.13 -18.79
C PRO A 106 0.38 -8.84 -18.94
N TYR A 107 1.01 -8.69 -20.10
CA TYR A 107 1.75 -7.50 -20.49
C TYR A 107 1.67 -7.44 -22.01
N THR A 108 0.69 -6.70 -22.52
CA THR A 108 0.39 -6.70 -23.93
C THR A 108 1.09 -5.56 -24.64
N PRO A 109 0.99 -5.52 -25.98
CA PRO A 109 1.53 -4.47 -26.82
C PRO A 109 1.04 -3.06 -26.45
N ALA A 110 -0.24 -2.91 -26.14
CA ALA A 110 -0.83 -1.61 -25.81
C ALA A 110 -0.39 -1.08 -24.44
N MET A 111 -0.19 -1.99 -23.49
CA MET A 111 0.30 -1.64 -22.16
C MET A 111 1.74 -1.18 -22.25
N GLN A 112 2.52 -1.86 -23.09
CA GLN A 112 3.96 -1.62 -23.24
C GLN A 112 4.19 -0.34 -24.04
N ARG A 113 3.38 -0.17 -25.09
CA ARG A 113 3.29 1.08 -25.79
C ARG A 113 3.28 2.17 -24.72
N TYR A 114 2.15 2.23 -24.00
CA TYR A 114 1.97 3.19 -22.91
C TYR A 114 3.21 3.32 -22.03
N VAL A 115 3.74 2.18 -21.59
CA VAL A 115 4.90 2.13 -20.68
C VAL A 115 6.20 2.60 -21.35
N LYS A 116 6.32 2.35 -22.66
CA LYS A 116 7.42 2.85 -23.48
C LYS A 116 7.47 4.37 -23.48
N ARG A 117 6.34 5.00 -23.80
CA ARG A 117 6.28 6.46 -23.83
C ARG A 117 6.67 7.05 -22.47
N LEU A 118 6.22 6.40 -21.39
CA LEU A 118 6.46 6.90 -20.03
C LEU A 118 7.94 6.95 -19.68
N HIS A 119 8.68 5.92 -20.05
CA HIS A 119 10.13 5.90 -19.82
C HIS A 119 10.86 6.90 -20.72
N GLU A 120 10.33 7.10 -21.93
CA GLU A 120 10.93 8.04 -22.88
C GLU A 120 10.80 9.44 -22.35
N VAL A 121 9.59 9.79 -21.95
CA VAL A 121 9.32 11.11 -21.40
C VAL A 121 10.13 11.32 -20.14
N GLY A 122 10.19 10.27 -19.31
CA GLY A 122 10.90 10.35 -18.05
C GLY A 122 12.38 10.51 -18.25
N ARG A 123 12.88 9.95 -19.36
CA ARG A 123 14.34 9.86 -19.56
C ARG A 123 14.91 10.94 -20.47
N THR A 124 14.09 11.51 -21.34
CA THR A 124 14.57 12.40 -22.37
C THR A 124 13.80 13.72 -22.39
N GLU A 125 12.55 13.67 -21.96
CA GLU A 125 11.73 14.88 -21.89
C GLU A 125 10.96 14.98 -20.57
N PRO A 126 11.66 14.81 -19.43
CA PRO A 126 11.01 14.82 -18.11
C PRO A 126 10.10 16.02 -17.89
N GLU A 127 10.35 17.09 -18.64
CA GLU A 127 9.52 18.29 -18.55
C GLU A 127 8.07 18.02 -18.98
N LEU A 128 7.82 16.85 -19.54
CA LEU A 128 6.50 16.48 -20.00
C LEU A 128 5.86 15.50 -19.02
N LEU A 129 6.65 15.04 -18.06
CA LEU A 129 6.18 14.03 -17.14
C LEU A 129 4.91 14.51 -16.47
N VAL A 130 4.85 15.81 -16.17
CA VAL A 130 3.67 16.41 -15.57
C VAL A 130 2.39 16.21 -16.38
N ALA A 131 2.51 15.85 -17.66
CA ALA A 131 1.35 15.62 -18.52
C ALA A 131 0.73 14.26 -18.22
N HIS A 132 1.60 13.33 -17.86
CA HIS A 132 1.15 11.99 -17.52
C HIS A 132 0.64 11.88 -16.07
N ALA A 133 1.27 12.65 -15.17
CA ALA A 133 0.77 12.73 -13.80
C ALA A 133 -0.66 13.27 -13.74
N TYR A 134 -0.91 14.35 -14.46
CA TYR A 134 -2.24 14.96 -14.51
C TYR A 134 -3.29 13.98 -15.03
N THR A 135 -2.98 13.36 -16.17
CA THR A 135 -3.91 12.45 -16.83
C THR A 135 -4.23 11.24 -15.95
N ARG A 136 -3.18 10.65 -15.40
CA ARG A 136 -3.34 9.51 -14.52
C ARG A 136 -4.02 9.90 -13.21
N TYR A 137 -3.26 10.58 -12.35
CA TYR A 137 -3.72 10.87 -11.01
C TYR A 137 -5.06 11.62 -10.92
N LEU A 138 -5.15 12.79 -11.53
CA LEU A 138 -6.38 13.57 -11.43
C LEU A 138 -7.62 12.85 -11.98
N GLY A 139 -7.45 12.15 -13.11
CA GLY A 139 -8.54 11.36 -13.67
C GLY A 139 -8.92 10.17 -12.79
N ASP A 140 -7.92 9.43 -12.33
CA ASP A 140 -8.16 8.27 -11.46
C ASP A 140 -8.83 8.68 -10.17
N LEU A 141 -8.34 9.78 -9.61
CA LEU A 141 -8.92 10.39 -8.42
C LEU A 141 -10.35 10.86 -8.69
N SER A 142 -10.63 11.21 -9.93
CA SER A 142 -11.97 11.70 -10.31
C SER A 142 -13.00 10.57 -10.41
N GLY A 143 -12.52 9.34 -10.54
CA GLY A 143 -13.42 8.22 -10.77
C GLY A 143 -13.34 7.12 -9.73
N GLY A 144 -12.21 7.03 -9.03
CA GLY A 144 -12.04 6.04 -7.98
C GLY A 144 -13.23 5.95 -7.04
N GLN A 145 -14.14 6.92 -7.16
CA GLN A 145 -15.32 7.00 -6.30
C GLN A 145 -16.56 6.38 -6.94
N VAL A 146 -17.15 7.09 -7.90
CA VAL A 146 -18.28 6.56 -8.65
C VAL A 146 -17.92 5.22 -9.30
N LEU A 147 -16.66 5.09 -9.71
CA LEU A 147 -16.20 3.87 -10.36
C LEU A 147 -16.12 2.70 -9.39
N LYS A 148 -15.42 2.91 -8.28
CA LYS A 148 -15.27 1.87 -7.27
C LYS A 148 -16.59 1.16 -6.99
N LYS A 149 -17.68 1.93 -7.01
CA LYS A 149 -19.01 1.37 -6.81
C LYS A 149 -19.38 0.50 -8.00
N ILE A 150 -19.48 1.13 -9.17
CA ILE A 150 -19.65 0.38 -10.42
C ILE A 150 -18.87 -0.93 -10.35
N ALA A 151 -17.59 -0.81 -10.04
CA ALA A 151 -16.74 -1.98 -9.85
C ALA A 151 -17.40 -2.91 -8.85
N GLN A 152 -16.96 -2.84 -7.59
CA GLN A 152 -17.42 -3.74 -6.54
C GLN A 152 -18.86 -4.23 -6.73
N LYS A 153 -19.84 -3.36 -6.52
CA LYS A 153 -21.23 -3.77 -6.66
C LYS A 153 -21.47 -4.45 -8.01
N ALA A 154 -21.04 -3.79 -9.09
CA ALA A 154 -21.21 -4.35 -10.43
C ALA A 154 -20.17 -5.44 -10.75
N LEU A 155 -19.47 -5.91 -9.72
CA LEU A 155 -18.43 -6.91 -9.87
C LEU A 155 -18.75 -8.00 -8.83
N ASP A 156 -17.74 -8.59 -8.18
CA ASP A 156 -18.05 -9.41 -7.00
C ASP A 156 -18.03 -8.54 -5.72
N LEU A 157 -17.53 -8.99 -4.58
CA LEU A 157 -16.40 -9.88 -4.48
C LEU A 157 -16.65 -10.82 -3.30
N PRO A 158 -15.83 -11.87 -3.16
CA PRO A 158 -16.01 -12.67 -1.96
C PRO A 158 -16.06 -11.66 -0.82
N SER A 159 -16.48 -12.08 0.37
CA SER A 159 -16.48 -11.18 1.52
C SER A 159 -15.05 -10.74 1.82
N SER A 160 -14.39 -10.22 0.79
CA SER A 160 -12.92 -10.14 0.77
C SER A 160 -12.26 -9.12 1.69
N GLY A 161 -12.61 -7.84 1.54
CA GLY A 161 -11.82 -6.77 2.15
C GLY A 161 -10.54 -6.52 1.38
N GLU A 162 -10.47 -7.01 0.15
CA GLU A 162 -9.31 -6.83 -0.71
C GLU A 162 -9.71 -6.72 -2.16
N GLY A 163 -8.78 -6.24 -2.99
CA GLY A 163 -9.01 -6.18 -4.42
C GLY A 163 -9.43 -4.84 -5.00
N LEU A 164 -9.83 -3.89 -4.15
CA LEU A 164 -10.24 -2.57 -4.66
C LEU A 164 -9.55 -1.38 -4.01
N ALA A 165 -8.33 -1.58 -3.53
CA ALA A 165 -7.58 -0.54 -2.85
C ALA A 165 -7.18 0.58 -3.80
N PHE A 166 -6.93 0.20 -5.06
CA PHE A 166 -6.50 1.17 -6.05
C PHE A 166 -7.46 2.35 -6.11
N PHE A 167 -8.73 2.07 -5.87
CA PHE A 167 -9.76 3.10 -5.98
C PHE A 167 -9.85 4.04 -4.78
N THR A 168 -9.08 3.78 -3.74
CA THR A 168 -9.03 4.68 -2.59
C THR A 168 -7.65 5.30 -2.45
N PHE A 169 -7.59 6.63 -2.49
CA PHE A 169 -6.37 7.33 -2.10
C PHE A 169 -6.57 7.70 -0.62
N PRO A 170 -5.94 6.93 0.29
CA PRO A 170 -6.21 7.05 1.72
C PRO A 170 -5.59 8.28 2.38
N ASN A 171 -4.47 8.74 1.83
CA ASN A 171 -3.80 9.93 2.35
C ASN A 171 -4.32 11.22 1.69
N ILE A 172 -5.50 11.13 1.09
CA ILE A 172 -6.19 12.31 0.58
C ILE A 172 -7.58 12.30 1.18
N ALA A 173 -7.83 13.22 2.11
CA ALA A 173 -9.13 13.28 2.79
C ALA A 173 -10.24 13.75 1.88
N SER A 174 -9.97 14.76 1.05
CA SER A 174 -10.94 15.11 0.02
C SER A 174 -10.26 15.30 -1.33
N ALA A 175 -10.85 14.69 -2.37
CA ALA A 175 -10.28 14.70 -3.71
C ALA A 175 -10.33 16.12 -4.25
N THR A 176 -11.44 16.80 -3.96
CA THR A 176 -11.65 18.19 -4.31
C THR A 176 -10.56 19.12 -3.77
N LYS A 177 -10.33 19.08 -2.47
CA LYS A 177 -9.31 19.92 -1.89
C LYS A 177 -7.93 19.60 -2.43
N PHE A 178 -7.69 18.32 -2.75
CA PHE A 178 -6.39 17.91 -3.30
C PHE A 178 -6.19 18.35 -4.76
N LYS A 179 -7.20 18.11 -5.60
CA LYS A 179 -7.14 18.55 -7.00
C LYS A 179 -6.77 20.02 -7.08
N GLN A 180 -7.57 20.84 -6.41
CA GLN A 180 -7.35 22.28 -6.33
C GLN A 180 -5.91 22.63 -6.01
N LEU A 181 -5.33 21.93 -5.03
CA LEU A 181 -3.96 22.20 -4.63
C LEU A 181 -2.96 21.70 -5.68
N TYR A 182 -3.33 20.61 -6.35
CA TYR A 182 -2.49 20.06 -7.41
C TYR A 182 -2.48 20.97 -8.64
N ARG A 183 -3.66 21.43 -9.05
CA ARG A 183 -3.77 22.40 -10.15
C ARG A 183 -2.98 23.65 -9.80
N SER A 184 -3.26 24.20 -8.62
CA SER A 184 -2.53 25.34 -8.12
C SER A 184 -1.05 25.13 -8.38
N ARG A 185 -0.54 23.99 -7.98
CA ARG A 185 0.90 23.68 -8.09
C ARG A 185 1.34 23.46 -9.54
N MET A 186 0.39 23.06 -10.38
CA MET A 186 0.64 22.92 -11.81
C MET A 186 0.83 24.29 -12.45
N ASN A 187 0.13 25.29 -11.90
CA ASN A 187 0.10 26.63 -12.47
C ASN A 187 1.32 27.50 -12.16
N SER A 188 2.18 27.03 -11.27
CA SER A 188 3.41 27.76 -10.95
C SER A 188 4.59 26.96 -11.47
N LEU A 189 4.29 25.99 -12.32
CA LEU A 189 5.32 25.25 -13.03
C LEU A 189 5.94 26.22 -14.00
N GLU A 190 7.27 26.34 -13.99
CA GLU A 190 7.98 27.26 -14.89
C GLU A 190 8.40 26.55 -16.16
N MET A 191 8.10 27.16 -17.31
CA MET A 191 8.02 26.47 -18.58
C MET A 191 8.21 27.43 -19.75
N THR A 192 8.97 27.06 -20.77
CA THR A 192 9.02 27.88 -21.99
C THR A 192 7.73 27.66 -22.77
N PRO A 193 7.34 28.64 -23.60
CA PRO A 193 6.10 28.50 -24.35
C PRO A 193 6.12 27.29 -25.29
N ALA A 194 7.33 26.86 -25.65
CA ALA A 194 7.52 25.72 -26.54
C ALA A 194 7.28 24.42 -25.76
N VAL A 195 7.87 24.33 -24.58
CA VAL A 195 7.63 23.22 -23.68
C VAL A 195 6.15 23.13 -23.31
N ARG A 196 5.52 24.25 -22.94
CA ARG A 196 4.11 24.23 -22.54
C ARG A 196 3.22 23.66 -23.63
N GLN A 197 3.46 24.05 -24.89
CA GLN A 197 2.68 23.50 -26.00
C GLN A 197 2.87 21.99 -26.07
N ARG A 198 4.09 21.53 -25.79
CA ARG A 198 4.35 20.10 -25.83
C ARG A 198 3.66 19.33 -24.69
N VAL A 199 3.76 19.87 -23.48
CA VAL A 199 3.06 19.28 -22.34
C VAL A 199 1.58 19.12 -22.69
N ILE A 200 0.99 20.17 -23.27
CA ILE A 200 -0.39 20.11 -23.69
C ILE A 200 -0.59 18.92 -24.63
N GLU A 201 0.33 18.80 -25.58
CA GLU A 201 0.23 17.76 -26.59
C GLU A 201 0.55 16.39 -26.01
N GLU A 202 1.27 16.35 -24.91
CA GLU A 202 1.51 15.08 -24.22
C GLU A 202 0.24 14.63 -23.50
N ALA A 203 -0.53 15.58 -22.98
CA ALA A 203 -1.80 15.25 -22.33
C ALA A 203 -2.68 14.53 -23.33
N LYS A 204 -2.66 15.00 -24.59
CA LYS A 204 -3.42 14.33 -25.64
C LYS A 204 -2.82 12.98 -25.96
N THR A 205 -1.50 12.91 -26.16
CA THR A 205 -0.86 11.62 -26.38
C THR A 205 -1.27 10.68 -25.25
N ALA A 206 -1.16 11.14 -24.01
CA ALA A 206 -1.56 10.34 -22.86
C ALA A 206 -2.97 9.74 -23.02
N PHE A 207 -3.95 10.60 -23.29
CA PHE A 207 -5.31 10.11 -23.50
C PHE A 207 -5.35 9.09 -24.64
N LEU A 208 -4.55 9.31 -25.68
CA LEU A 208 -4.53 8.42 -26.83
C LEU A 208 -3.99 7.04 -26.48
N LEU A 209 -2.97 7.01 -25.64
CA LEU A 209 -2.42 5.75 -25.17
C LEU A 209 -3.47 4.95 -24.39
N ASN A 210 -4.27 5.65 -23.60
CA ASN A 210 -5.36 5.01 -22.90
C ASN A 210 -6.39 4.46 -23.85
N ILE A 211 -6.78 5.26 -24.84
CA ILE A 211 -7.75 4.84 -25.86
C ILE A 211 -7.32 3.59 -26.62
N GLN A 212 -6.09 3.58 -27.14
CA GLN A 212 -5.52 2.41 -27.79
C GLN A 212 -5.47 1.20 -26.85
N LEU A 213 -5.25 1.45 -25.57
CA LEU A 213 -5.29 0.40 -24.55
C LEU A 213 -6.69 -0.18 -24.41
N PHE A 214 -7.69 0.69 -24.38
CA PHE A 214 -9.09 0.24 -24.32
C PHE A 214 -9.47 -0.58 -25.55
N GLU A 215 -9.03 -0.14 -26.72
CA GLU A 215 -9.36 -0.84 -27.95
C GLU A 215 -8.69 -2.19 -28.03
N GLU A 216 -7.48 -2.29 -27.47
CA GLU A 216 -6.78 -3.55 -27.41
C GLU A 216 -7.44 -4.56 -26.45
N LEU A 217 -7.94 -4.07 -25.31
CA LEU A 217 -8.55 -4.93 -24.30
C LEU A 217 -9.93 -5.42 -24.76
N GLN A 218 -10.60 -4.60 -25.57
CA GLN A 218 -11.84 -5.02 -26.16
C GLN A 218 -11.59 -6.08 -27.22
N GLU A 219 -10.50 -5.95 -27.96
CA GLU A 219 -10.17 -6.95 -28.94
C GLU A 219 -9.98 -8.28 -28.24
N LEU A 220 -9.13 -8.29 -27.21
CA LEU A 220 -8.79 -9.52 -26.51
C LEU A 220 -10.02 -10.16 -25.88
N LEU A 221 -10.97 -9.33 -25.46
CA LEU A 221 -12.18 -9.78 -24.76
C LEU A 221 -13.35 -10.05 -25.71
N THR A 222 -13.08 -10.06 -27.02
CA THR A 222 -14.12 -10.32 -28.01
C THR A 222 -13.60 -11.21 -29.13
N HIS A 223 -14.40 -12.21 -29.51
CA HIS A 223 -14.05 -13.11 -30.60
C HIS A 223 -15.28 -13.90 -31.04
N MET B 9 20.29 -24.63 24.89
CA MET B 9 20.02 -23.31 24.24
C MET B 9 20.80 -23.16 22.94
N PRO B 10 20.13 -22.69 21.88
CA PRO B 10 20.54 -22.89 20.49
C PRO B 10 21.62 -21.93 19.96
N GLN B 11 22.44 -22.44 19.05
CA GLN B 11 23.50 -21.66 18.39
C GLN B 11 22.92 -20.49 17.60
N ASP B 12 21.92 -20.80 16.78
CA ASP B 12 21.33 -19.83 15.85
C ASP B 12 20.46 -18.80 16.56
N LEU B 13 20.63 -17.54 16.19
CA LEU B 13 19.82 -16.47 16.76
C LEU B 13 18.33 -16.70 16.57
N SER B 14 17.94 -17.28 15.43
CA SER B 14 16.53 -17.50 15.14
C SER B 14 15.92 -18.59 16.02
N GLU B 15 16.76 -19.52 16.46
CA GLU B 15 16.32 -20.57 17.37
C GLU B 15 16.26 -20.01 18.78
N ALA B 16 17.28 -19.24 19.13
CA ALA B 16 17.32 -18.58 20.42
C ALA B 16 16.02 -17.79 20.66
N LEU B 17 15.73 -16.86 19.75
CA LEU B 17 14.56 -16.00 19.88
C LEU B 17 13.27 -16.81 20.06
N LYS B 18 13.10 -17.83 19.23
CA LYS B 18 11.89 -18.66 19.26
C LYS B 18 11.84 -19.50 20.54
N GLU B 19 13.01 -19.86 21.07
CA GLU B 19 13.06 -20.58 22.33
C GLU B 19 12.71 -19.63 23.47
N ALA B 20 13.41 -18.49 23.50
CA ALA B 20 13.30 -17.54 24.60
C ALA B 20 11.93 -16.89 24.73
N THR B 21 11.11 -17.00 23.70
CA THR B 21 9.81 -16.30 23.70
C THR B 21 8.64 -17.27 23.76
N LYS B 22 8.95 -18.54 24.00
CA LYS B 22 7.93 -19.57 24.12
C LYS B 22 6.97 -19.20 25.25
N GLU B 23 7.53 -18.90 26.42
CA GLU B 23 6.75 -18.61 27.64
C GLU B 23 5.82 -17.41 27.45
N VAL B 24 6.36 -16.32 26.90
CA VAL B 24 5.56 -15.12 26.67
C VAL B 24 4.55 -15.32 25.53
N HIS B 25 4.98 -16.01 24.47
CA HIS B 25 4.07 -16.37 23.37
C HIS B 25 2.85 -17.15 23.87
N THR B 26 3.08 -18.12 24.75
CA THR B 26 1.98 -18.94 25.27
C THR B 26 1.04 -18.08 26.12
N GLN B 27 1.61 -17.17 26.89
CA GLN B 27 0.83 -16.20 27.65
C GLN B 27 -0.16 -15.45 26.76
N ALA B 28 0.36 -14.79 25.73
CA ALA B 28 -0.49 -14.12 24.75
C ALA B 28 -1.59 -15.06 24.25
N GLU B 29 -1.19 -16.29 23.91
CA GLU B 29 -2.13 -17.29 23.40
C GLU B 29 -3.17 -17.55 24.47
N ASN B 30 -2.67 -17.73 25.69
CA ASN B 30 -3.52 -17.83 26.87
C ASN B 30 -4.48 -16.67 26.93
N ALA B 31 -3.93 -15.47 26.83
CA ALA B 31 -4.70 -14.24 26.93
C ALA B 31 -5.80 -14.13 25.88
N GLU B 32 -5.49 -14.47 24.64
CA GLU B 32 -6.49 -14.44 23.59
C GLU B 32 -7.57 -15.46 23.87
N PHE B 33 -7.16 -16.64 24.34
CA PHE B 33 -8.13 -17.69 24.66
C PHE B 33 -9.14 -17.18 25.69
N MET B 34 -8.63 -16.64 26.80
CA MET B 34 -9.49 -16.07 27.83
C MET B 34 -10.38 -14.96 27.25
N ARG B 35 -9.75 -14.05 26.49
CA ARG B 35 -10.48 -12.96 25.85
C ARG B 35 -11.59 -13.47 24.95
N ASN B 36 -11.29 -14.46 24.11
CA ASN B 36 -12.29 -15.02 23.20
C ASN B 36 -13.45 -15.65 23.96
N PHE B 37 -13.17 -16.31 25.06
CA PHE B 37 -14.23 -16.89 25.89
C PHE B 37 -15.14 -15.83 26.53
N GLN B 38 -14.58 -14.94 27.35
CA GLN B 38 -15.39 -13.93 28.01
C GLN B 38 -16.07 -13.07 26.97
N LYS B 39 -15.24 -12.32 26.25
CA LYS B 39 -15.69 -11.49 25.16
C LYS B 39 -15.58 -12.33 23.91
N GLY B 40 -16.71 -12.55 23.25
CA GLY B 40 -16.76 -13.51 22.15
C GLY B 40 -15.84 -13.23 20.96
N GLN B 41 -16.42 -13.33 19.77
CA GLN B 41 -15.69 -13.29 18.53
C GLN B 41 -14.66 -12.14 18.44
N VAL B 42 -15.15 -10.95 18.15
CA VAL B 42 -14.33 -9.78 17.90
C VAL B 42 -15.19 -8.88 17.03
N THR B 43 -15.32 -7.63 17.44
CA THR B 43 -16.30 -6.74 16.86
C THR B 43 -15.64 -5.78 15.89
N ARG B 44 -16.47 -5.09 15.11
CA ARG B 44 -15.99 -4.06 14.22
C ARG B 44 -15.20 -3.02 15.00
N ASP B 45 -15.75 -2.59 16.14
CA ASP B 45 -15.12 -1.61 17.00
C ASP B 45 -13.79 -2.10 17.53
N GLY B 46 -13.75 -3.38 17.90
CA GLY B 46 -12.51 -4.00 18.36
C GLY B 46 -11.48 -4.06 17.23
N PHE B 47 -11.92 -4.44 16.05
CA PHE B 47 -11.01 -4.56 14.93
C PHE B 47 -10.42 -3.20 14.53
N LYS B 48 -11.26 -2.17 14.49
CA LYS B 48 -10.79 -0.80 14.22
C LYS B 48 -9.64 -0.37 15.15
N LEU B 49 -9.81 -0.62 16.45
CA LEU B 49 -8.78 -0.27 17.44
C LEU B 49 -7.48 -1.02 17.16
N VAL B 50 -7.61 -2.29 16.83
CA VAL B 50 -6.43 -3.11 16.49
C VAL B 50 -5.70 -2.63 15.23
N MET B 51 -6.47 -2.18 14.24
CA MET B 51 -5.91 -1.60 13.02
C MET B 51 -5.22 -0.24 13.26
N ALA B 52 -5.79 0.56 14.16
CA ALA B 52 -5.17 1.83 14.52
C ALA B 52 -3.85 1.56 15.24
N SER B 53 -3.87 0.56 16.14
CA SER B 53 -2.68 0.21 16.88
C SER B 53 -1.55 -0.10 15.91
N LEU B 54 -1.77 -1.06 15.01
CA LEU B 54 -0.77 -1.46 14.02
C LEU B 54 -0.30 -0.30 13.15
N TYR B 55 -1.21 0.59 12.78
CA TYR B 55 -0.78 1.77 12.07
C TYR B 55 0.33 2.47 12.87
N HIS B 56 0.05 2.78 14.14
CA HIS B 56 1.00 3.54 14.94
C HIS B 56 2.29 2.77 15.15
N ILE B 57 2.16 1.49 15.48
CA ILE B 57 3.34 0.68 15.65
C ILE B 57 4.18 0.58 14.37
N TYR B 58 3.53 0.25 13.27
CA TYR B 58 4.24 0.09 12.00
C TYR B 58 4.88 1.36 11.46
N VAL B 59 4.21 2.50 11.63
CA VAL B 59 4.82 3.77 11.25
C VAL B 59 6.14 3.95 11.99
N ALA B 60 6.14 3.67 13.30
CA ALA B 60 7.32 3.87 14.14
C ALA B 60 8.43 2.90 13.84
N LEU B 61 8.09 1.62 13.69
CA LEU B 61 9.09 0.60 13.38
C LEU B 61 9.74 0.86 12.00
N GLU B 62 8.90 1.15 11.00
CA GLU B 62 9.40 1.35 9.63
C GLU B 62 10.20 2.64 9.46
N GLU B 63 9.82 3.69 10.19
CA GLU B 63 10.66 4.88 10.28
C GLU B 63 12.04 4.50 10.80
N GLU B 64 12.07 3.72 11.87
CA GLU B 64 13.33 3.31 12.50
C GLU B 64 14.07 2.28 11.67
N ILE B 65 13.35 1.50 10.89
CA ILE B 65 14.00 0.62 9.93
C ILE B 65 14.74 1.49 8.89
N GLU B 66 14.02 2.43 8.28
CA GLU B 66 14.63 3.32 7.29
C GLU B 66 15.91 3.99 7.80
N ARG B 67 15.93 4.32 9.09
CA ARG B 67 17.07 5.00 9.68
C ARG B 67 18.31 4.11 9.75
N ASN B 68 18.10 2.80 9.89
CA ASN B 68 19.20 1.88 10.17
C ASN B 68 19.52 0.90 9.05
N LYS B 69 18.73 0.94 7.99
CA LYS B 69 19.06 0.21 6.79
C LYS B 69 20.44 0.72 6.44
N GLU B 70 21.31 -0.17 5.98
CA GLU B 70 22.68 0.23 5.67
C GLU B 70 23.59 -0.03 6.87
N SER B 71 23.02 0.05 8.06
CA SER B 71 23.73 -0.31 9.27
C SER B 71 23.95 -1.82 9.30
N PRO B 72 25.13 -2.25 9.78
CA PRO B 72 25.45 -3.67 9.83
C PRO B 72 24.64 -4.44 10.86
N VAL B 73 24.01 -3.74 11.81
CA VAL B 73 23.17 -4.35 12.84
C VAL B 73 21.73 -4.58 12.35
N PHE B 74 21.41 -4.02 11.19
CA PHE B 74 20.10 -4.27 10.59
C PHE B 74 20.14 -4.67 9.12
N ALA B 75 20.96 -3.99 8.32
CA ALA B 75 21.03 -4.24 6.87
C ALA B 75 20.61 -5.64 6.44
N PRO B 76 21.32 -6.68 6.94
CA PRO B 76 21.04 -8.05 6.53
C PRO B 76 19.55 -8.42 6.57
N VAL B 77 18.76 -7.76 7.41
CA VAL B 77 17.32 -8.07 7.46
C VAL B 77 16.43 -6.98 6.87
N TYR B 78 17.00 -6.13 6.03
CA TYR B 78 16.25 -5.09 5.32
C TYR B 78 15.52 -5.62 4.08
N PHE B 79 14.22 -5.84 4.20
CA PHE B 79 13.38 -6.26 3.07
C PHE B 79 12.17 -5.34 2.93
N PRO B 80 12.40 -4.08 2.49
CA PRO B 80 11.34 -3.08 2.39
C PRO B 80 10.18 -3.48 1.47
N GLU B 81 10.47 -3.91 0.26
CA GLU B 81 9.42 -4.29 -0.67
C GLU B 81 8.53 -5.41 -0.10
N GLU B 82 9.18 -6.40 0.50
CA GLU B 82 8.50 -7.60 0.96
C GLU B 82 7.68 -7.43 2.25
N LEU B 83 8.12 -6.55 3.15
CA LEU B 83 7.51 -6.43 4.47
C LEU B 83 6.69 -5.13 4.72
N HIS B 84 7.17 -3.99 4.23
CA HIS B 84 6.50 -2.72 4.49
C HIS B 84 4.99 -2.89 4.63
N ARG B 85 4.44 -2.44 5.76
CA ARG B 85 3.01 -2.55 6.04
C ARG B 85 2.31 -1.19 6.13
N LYS B 86 3.08 -0.13 6.34
CA LYS B 86 2.49 1.21 6.48
C LYS B 86 1.35 1.48 5.51
N ALA B 87 1.66 1.42 4.21
CA ALA B 87 0.70 1.76 3.16
C ALA B 87 -0.59 0.93 3.17
N ALA B 88 -0.49 -0.35 3.50
CA ALA B 88 -1.65 -1.23 3.56
C ALA B 88 -2.57 -0.86 4.71
N LEU B 89 -1.99 -0.32 5.76
CA LEU B 89 -2.74 0.08 6.94
C LEU B 89 -3.43 1.42 6.67
N GLU B 90 -2.77 2.27 5.88
CA GLU B 90 -3.38 3.52 5.45
C GLU B 90 -4.57 3.20 4.59
N GLN B 91 -4.41 2.25 3.66
CA GLN B 91 -5.56 1.84 2.86
C GLN B 91 -6.69 1.33 3.76
N ASP B 92 -6.37 0.43 4.69
CA ASP B 92 -7.41 -0.20 5.55
C ASP B 92 -8.06 0.78 6.49
N LEU B 93 -7.26 1.65 7.09
CA LEU B 93 -7.84 2.64 8.00
C LEU B 93 -8.78 3.59 7.27
N ALA B 94 -8.45 3.92 6.03
CA ALA B 94 -9.30 4.83 5.28
C ALA B 94 -10.68 4.19 5.10
N PHE B 95 -10.71 2.86 5.13
CA PHE B 95 -11.98 2.14 5.04
C PHE B 95 -12.71 2.10 6.39
N TRP B 96 -12.01 1.70 7.45
CA TRP B 96 -12.60 1.53 8.79
C TRP B 96 -13.08 2.83 9.44
N TYR B 97 -12.28 3.87 9.29
CA TYR B 97 -12.56 5.18 9.89
C TYR B 97 -13.02 6.27 8.90
N GLY B 98 -12.85 6.02 7.61
CA GLY B 98 -13.27 7.01 6.62
C GLY B 98 -12.14 7.92 6.14
N PRO B 99 -12.45 8.78 5.16
CA PRO B 99 -11.55 9.72 4.49
C PRO B 99 -10.65 10.48 5.45
N ARG B 100 -11.21 10.84 6.60
CA ARG B 100 -10.48 11.67 7.53
C ARG B 100 -10.07 10.83 8.74
N TRP B 101 -9.76 9.56 8.47
CA TRP B 101 -9.34 8.64 9.50
C TRP B 101 -8.20 9.22 10.33
N GLN B 102 -7.35 10.01 9.69
CA GLN B 102 -6.15 10.51 10.37
C GLN B 102 -6.45 11.53 11.46
N GLU B 103 -7.62 12.15 11.41
CA GLU B 103 -8.04 13.06 12.46
C GLU B 103 -8.67 12.27 13.62
N VAL B 104 -9.18 11.07 13.32
CA VAL B 104 -10.02 10.37 14.28
C VAL B 104 -9.43 9.09 14.92
N ILE B 105 -8.46 8.43 14.27
CA ILE B 105 -7.90 7.24 14.90
C ILE B 105 -7.37 7.57 16.29
N PRO B 106 -7.67 6.69 17.26
CA PRO B 106 -7.16 6.81 18.63
C PRO B 106 -5.66 6.55 18.70
N TYR B 107 -5.01 7.22 19.63
CA TYR B 107 -3.62 6.97 19.92
C TYR B 107 -3.58 6.88 21.43
N THR B 108 -3.53 5.66 21.95
CA THR B 108 -3.69 5.45 23.38
C THR B 108 -2.34 5.36 24.05
N PRO B 109 -2.31 5.58 25.38
CA PRO B 109 -1.11 5.46 26.20
C PRO B 109 -0.36 4.15 25.94
N ALA B 110 -1.11 3.06 25.77
CA ALA B 110 -0.51 1.73 25.53
C ALA B 110 0.18 1.60 24.17
N MET B 111 -0.37 2.23 23.14
CA MET B 111 0.29 2.32 21.84
C MET B 111 1.49 3.23 21.94
N GLN B 112 1.31 4.37 22.61
CA GLN B 112 2.39 5.31 22.82
C GLN B 112 3.63 4.65 23.39
N ARG B 113 3.44 3.71 24.32
CA ARG B 113 4.57 3.07 25.00
C ARG B 113 5.30 2.10 24.10
N TYR B 114 4.55 1.42 23.25
CA TYR B 114 5.11 0.63 22.18
C TYR B 114 5.93 1.55 21.26
N VAL B 115 5.29 2.57 20.71
CA VAL B 115 5.97 3.47 19.78
C VAL B 115 7.24 4.01 20.45
N LYS B 116 7.09 4.51 21.67
CA LYS B 116 8.24 5.10 22.36
C LYS B 116 9.43 4.15 22.39
N ARG B 117 9.18 2.89 22.73
CA ARG B 117 10.23 1.88 22.85
C ARG B 117 10.95 1.66 21.50
N LEU B 118 10.15 1.63 20.43
CA LEU B 118 10.65 1.45 19.07
C LEU B 118 11.58 2.57 18.64
N HIS B 119 11.15 3.81 18.87
CA HIS B 119 11.98 4.97 18.57
C HIS B 119 13.26 4.99 19.39
N GLU B 120 13.14 4.71 20.69
CA GLU B 120 14.28 4.62 21.58
C GLU B 120 15.30 3.59 21.08
N VAL B 121 14.78 2.45 20.63
CA VAL B 121 15.63 1.37 20.12
C VAL B 121 16.26 1.74 18.76
N GLY B 122 15.52 2.50 17.97
CA GLY B 122 15.98 2.90 16.65
C GLY B 122 17.02 3.99 16.70
N ARG B 123 16.89 4.91 17.66
CA ARG B 123 17.82 6.03 17.79
C ARG B 123 19.07 5.65 18.58
N THR B 124 18.89 4.91 19.68
CA THR B 124 20.00 4.70 20.60
C THR B 124 20.43 3.24 20.81
N GLU B 125 19.62 2.29 20.35
CA GLU B 125 20.01 0.89 20.46
C GLU B 125 19.70 0.12 19.18
N PRO B 126 20.11 0.67 18.02
CA PRO B 126 19.75 0.03 16.75
C PRO B 126 19.98 -1.48 16.75
N GLU B 127 20.91 -1.95 17.57
CA GLU B 127 21.26 -3.37 17.60
C GLU B 127 20.11 -4.26 18.08
N LEU B 128 19.06 -3.64 18.59
CA LEU B 128 17.94 -4.43 19.13
C LEU B 128 16.75 -4.36 18.20
N LEU B 129 16.85 -3.55 17.16
CA LEU B 129 15.73 -3.30 16.26
C LEU B 129 15.27 -4.62 15.63
N VAL B 130 16.24 -5.46 15.33
CA VAL B 130 16.00 -6.77 14.74
C VAL B 130 15.03 -7.60 15.60
N ALA B 131 15.07 -7.38 16.91
CA ALA B 131 14.17 -8.06 17.86
C ALA B 131 12.73 -7.63 17.63
N HIS B 132 12.53 -6.34 17.35
CA HIS B 132 11.20 -5.84 17.04
C HIS B 132 10.75 -6.18 15.63
N ALA B 133 11.67 -6.18 14.66
CA ALA B 133 11.30 -6.62 13.29
C ALA B 133 10.83 -8.08 13.29
N TYR B 134 11.59 -8.95 13.96
CA TYR B 134 11.22 -10.37 14.13
C TYR B 134 9.84 -10.54 14.72
N THR B 135 9.62 -9.97 15.91
CA THR B 135 8.36 -10.08 16.62
C THR B 135 7.14 -9.63 15.81
N ARG B 136 7.27 -8.46 15.19
CA ARG B 136 6.20 -7.90 14.38
C ARG B 136 6.01 -8.63 13.06
N TYR B 137 7.08 -8.72 12.28
CA TYR B 137 7.02 -9.23 10.93
C TYR B 137 6.71 -10.72 10.84
N LEU B 138 7.61 -11.55 11.37
CA LEU B 138 7.37 -13.00 11.41
C LEU B 138 6.06 -13.33 12.10
N GLY B 139 5.77 -12.65 13.21
CA GLY B 139 4.47 -12.82 13.83
C GLY B 139 3.33 -12.56 12.86
N ASP B 140 3.37 -11.40 12.20
CA ASP B 140 2.25 -10.95 11.35
C ASP B 140 2.16 -11.76 10.05
N LEU B 141 3.32 -12.10 9.51
CA LEU B 141 3.41 -13.10 8.48
C LEU B 141 2.61 -14.32 8.90
N SER B 142 3.00 -14.93 10.03
CA SER B 142 2.40 -16.18 10.52
C SER B 142 0.89 -16.17 10.66
N GLY B 143 0.35 -15.11 11.26
CA GLY B 143 -1.07 -15.07 11.56
C GLY B 143 -1.88 -14.51 10.42
N GLY B 144 -1.23 -14.15 9.33
CA GLY B 144 -1.92 -13.55 8.19
C GLY B 144 -3.21 -14.24 7.75
N GLN B 145 -3.08 -15.41 7.16
CA GLN B 145 -4.21 -16.13 6.58
C GLN B 145 -5.29 -16.48 7.59
N VAL B 146 -4.92 -17.22 8.63
CA VAL B 146 -5.84 -17.53 9.73
C VAL B 146 -6.66 -16.30 10.16
N LEU B 147 -5.97 -15.27 10.64
CA LEU B 147 -6.63 -14.05 11.10
C LEU B 147 -7.55 -13.46 10.03
N LYS B 148 -7.00 -13.23 8.84
CA LYS B 148 -7.76 -12.73 7.71
C LYS B 148 -9.03 -13.57 7.54
N LYS B 149 -8.84 -14.89 7.51
CA LYS B 149 -9.93 -15.83 7.29
C LYS B 149 -11.06 -15.64 8.28
N ILE B 150 -10.73 -15.65 9.57
CA ILE B 150 -11.72 -15.53 10.64
C ILE B 150 -12.29 -14.11 10.70
N ALA B 151 -11.43 -13.12 10.47
CA ALA B 151 -11.85 -11.72 10.44
C ALA B 151 -13.06 -11.50 9.52
N GLN B 152 -12.98 -11.96 8.27
CA GLN B 152 -14.08 -11.77 7.34
C GLN B 152 -15.37 -12.41 7.87
N LYS B 153 -15.25 -13.58 8.49
CA LYS B 153 -16.40 -14.23 9.12
C LYS B 153 -16.97 -13.39 10.26
N ALA B 154 -16.13 -13.09 11.24
CA ALA B 154 -16.57 -12.40 12.45
C ALA B 154 -17.32 -11.10 12.18
N LEU B 155 -16.83 -10.30 11.24
CA LEU B 155 -17.44 -8.99 10.96
C LEU B 155 -17.90 -8.84 9.52
N ASP B 156 -18.23 -9.97 8.89
CA ASP B 156 -18.83 -9.99 7.56
C ASP B 156 -18.77 -8.66 6.81
N LEU B 157 -17.57 -8.27 6.38
CA LEU B 157 -17.41 -7.02 5.64
C LEU B 157 -18.39 -7.00 4.47
N PRO B 158 -18.81 -5.80 4.04
CA PRO B 158 -19.62 -5.78 2.84
C PRO B 158 -18.76 -6.18 1.64
N SER B 159 -19.30 -6.03 0.43
CA SER B 159 -18.53 -6.24 -0.78
C SER B 159 -17.67 -5.02 -1.03
N SER B 160 -16.86 -4.66 -0.04
CA SER B 160 -16.07 -3.44 -0.09
C SER B 160 -14.88 -3.55 -1.03
N GLY B 161 -13.99 -4.51 -0.74
CA GLY B 161 -12.77 -4.65 -1.51
C GLY B 161 -11.60 -3.98 -0.80
N GLU B 162 -11.84 -3.58 0.44
CA GLU B 162 -10.81 -2.91 1.23
C GLU B 162 -11.05 -3.14 2.73
N GLY B 163 -10.05 -2.83 3.53
CA GLY B 163 -10.16 -3.02 4.97
C GLY B 163 -9.30 -4.14 5.51
N LEU B 164 -8.93 -5.11 4.66
CA LEU B 164 -8.15 -6.25 5.15
C LEU B 164 -6.81 -6.42 4.45
N ALA B 165 -6.38 -5.41 3.70
CA ALA B 165 -5.15 -5.49 2.91
C ALA B 165 -3.88 -5.64 3.76
N PHE B 166 -3.98 -5.33 5.04
CA PHE B 166 -2.87 -5.52 5.95
C PHE B 166 -2.47 -6.99 6.06
N PHE B 167 -3.42 -7.90 5.81
CA PHE B 167 -3.12 -9.31 5.99
C PHE B 167 -2.58 -10.00 4.72
N THR B 168 -2.45 -9.24 3.63
CA THR B 168 -1.81 -9.73 2.43
C THR B 168 -0.46 -9.05 2.17
N PHE B 169 0.57 -9.87 1.97
CA PHE B 169 1.91 -9.40 1.64
C PHE B 169 2.16 -9.69 0.17
N PRO B 170 1.75 -8.76 -0.71
CA PRO B 170 1.74 -8.96 -2.17
C PRO B 170 3.11 -9.30 -2.79
N ASN B 171 4.19 -8.80 -2.19
CA ASN B 171 5.53 -8.97 -2.73
C ASN B 171 6.26 -10.15 -2.10
N ILE B 172 5.50 -11.05 -1.52
CA ILE B 172 6.06 -12.29 -1.01
C ILE B 172 5.24 -13.40 -1.66
N ALA B 173 5.93 -14.27 -2.40
CA ALA B 173 5.26 -15.36 -3.10
C ALA B 173 4.89 -16.49 -2.15
N SER B 174 5.81 -16.86 -1.27
CA SER B 174 5.54 -17.82 -0.19
C SER B 174 6.12 -17.39 1.16
N ALA B 175 5.28 -17.33 2.18
CA ALA B 175 5.69 -16.96 3.53
C ALA B 175 6.73 -17.90 4.13
N THR B 176 6.61 -19.19 3.82
CA THR B 176 7.54 -20.20 4.34
C THR B 176 8.98 -19.92 3.93
N LYS B 177 9.20 -19.80 2.64
CA LYS B 177 10.53 -19.56 2.12
C LYS B 177 11.06 -18.16 2.45
N PHE B 178 10.16 -17.19 2.57
CA PHE B 178 10.60 -15.87 3.05
C PHE B 178 11.08 -15.95 4.51
N LYS B 179 10.33 -16.66 5.35
CA LYS B 179 10.74 -16.81 6.73
C LYS B 179 12.06 -17.59 6.89
N GLN B 180 12.29 -18.59 6.06
CA GLN B 180 13.56 -19.30 6.08
C GLN B 180 14.66 -18.31 5.76
N LEU B 181 14.41 -17.53 4.72
CA LEU B 181 15.35 -16.50 4.28
C LEU B 181 15.58 -15.47 5.39
N TYR B 182 14.49 -15.02 6.01
CA TYR B 182 14.57 -14.03 7.08
C TYR B 182 15.33 -14.55 8.28
N ARG B 183 14.90 -15.70 8.76
CA ARG B 183 15.62 -16.40 9.81
C ARG B 183 17.09 -16.51 9.41
N SER B 184 17.32 -16.93 8.16
CA SER B 184 18.68 -17.16 7.69
C SER B 184 19.54 -15.92 7.77
N ARG B 185 18.96 -14.77 7.42
CA ARG B 185 19.65 -13.49 7.50
C ARG B 185 19.87 -13.04 8.94
N MET B 186 18.93 -13.38 9.82
CA MET B 186 19.07 -13.12 11.25
C MET B 186 20.27 -13.87 11.82
N ASN B 187 20.40 -15.13 11.41
CA ASN B 187 21.55 -15.93 11.82
C ASN B 187 22.87 -15.45 11.21
N SER B 188 22.81 -14.49 10.28
CA SER B 188 24.02 -13.97 9.66
C SER B 188 24.53 -12.76 10.41
N LEU B 189 23.76 -12.29 11.39
CA LEU B 189 24.18 -11.17 12.22
C LEU B 189 25.33 -11.59 13.11
N GLU B 190 26.32 -10.72 13.26
CA GLU B 190 27.39 -10.95 14.23
C GLU B 190 27.24 -9.97 15.39
N MET B 191 27.43 -10.48 16.60
CA MET B 191 27.19 -9.70 17.81
C MET B 191 27.87 -10.35 19.01
N THR B 192 28.21 -9.55 20.00
CA THR B 192 28.80 -10.09 21.21
C THR B 192 27.78 -11.02 21.83
N PRO B 193 28.22 -11.86 22.76
CA PRO B 193 27.22 -12.65 23.48
C PRO B 193 26.26 -11.70 24.21
N ALA B 194 26.83 -10.65 24.80
CA ALA B 194 26.07 -9.67 25.55
C ALA B 194 24.99 -9.02 24.68
N VAL B 195 25.39 -8.60 23.49
CA VAL B 195 24.42 -8.06 22.53
C VAL B 195 23.34 -9.09 22.23
N ARG B 196 23.74 -10.31 21.92
CA ARG B 196 22.79 -11.37 21.60
C ARG B 196 21.82 -11.66 22.74
N GLN B 197 22.27 -11.46 23.97
CA GLN B 197 21.36 -11.63 25.10
C GLN B 197 20.44 -10.41 25.24
N ARG B 198 20.95 -9.22 24.88
CA ARG B 198 20.08 -8.04 24.81
C ARG B 198 18.97 -8.25 23.78
N VAL B 199 19.35 -8.76 22.60
CA VAL B 199 18.39 -9.00 21.53
C VAL B 199 17.28 -9.96 21.97
N ILE B 200 17.66 -11.06 22.60
CA ILE B 200 16.70 -12.02 23.14
C ILE B 200 15.70 -11.36 24.10
N GLU B 201 16.20 -10.52 25.01
CA GLU B 201 15.34 -9.89 25.99
C GLU B 201 14.46 -8.82 25.35
N GLU B 202 15.02 -8.08 24.40
CA GLU B 202 14.22 -7.12 23.66
C GLU B 202 13.03 -7.80 22.98
N ALA B 203 13.25 -9.02 22.50
CA ALA B 203 12.16 -9.77 21.87
C ALA B 203 11.04 -10.00 22.88
N LYS B 204 11.41 -10.43 24.08
CA LYS B 204 10.46 -10.63 25.17
C LYS B 204 9.70 -9.36 25.54
N THR B 205 10.42 -8.23 25.59
CA THR B 205 9.80 -6.92 25.81
C THR B 205 8.81 -6.60 24.72
N ALA B 206 9.22 -6.85 23.48
CA ALA B 206 8.34 -6.66 22.35
C ALA B 206 7.02 -7.40 22.59
N PHE B 207 7.13 -8.64 23.07
CA PHE B 207 5.95 -9.47 23.33
C PHE B 207 5.07 -8.86 24.41
N LEU B 208 5.68 -8.34 25.46
CA LEU B 208 4.93 -7.77 26.61
C LEU B 208 4.24 -6.46 26.26
N LEU B 209 4.91 -5.63 25.47
CA LEU B 209 4.32 -4.40 24.94
C LEU B 209 3.08 -4.72 24.12
N ASN B 210 3.13 -5.80 23.37
CA ASN B 210 1.96 -6.26 22.63
C ASN B 210 0.89 -6.75 23.58
N ILE B 211 1.31 -7.54 24.57
CA ILE B 211 0.39 -8.04 25.60
C ILE B 211 -0.26 -6.89 26.39
N GLN B 212 0.53 -5.94 26.88
CA GLN B 212 -0.01 -4.78 27.59
C GLN B 212 -1.03 -4.05 26.69
N LEU B 213 -0.66 -3.86 25.43
CA LEU B 213 -1.49 -3.11 24.49
C LEU B 213 -2.86 -3.76 24.30
N PHE B 214 -2.87 -5.06 24.13
CA PHE B 214 -4.11 -5.73 23.81
C PHE B 214 -5.04 -5.81 25.00
N GLU B 215 -4.46 -5.97 26.20
CA GLU B 215 -5.23 -5.85 27.44
C GLU B 215 -5.89 -4.47 27.54
N GLU B 216 -5.11 -3.42 27.31
CA GLU B 216 -5.64 -2.07 27.33
C GLU B 216 -6.79 -1.87 26.34
N LEU B 217 -6.68 -2.48 25.17
CA LEU B 217 -7.71 -2.30 24.12
C LEU B 217 -9.06 -2.92 24.51
N GLN B 218 -9.02 -4.14 25.01
CA GLN B 218 -10.25 -4.76 25.51
C GLN B 218 -10.81 -4.00 26.71
N GLU B 219 -9.93 -3.40 27.51
CA GLU B 219 -10.38 -2.52 28.58
C GLU B 219 -11.19 -1.39 27.98
N LEU B 220 -10.64 -0.78 26.93
CA LEU B 220 -11.28 0.34 26.25
C LEU B 220 -12.67 -0.03 25.74
N LEU B 221 -12.82 -1.28 25.34
CA LEU B 221 -14.03 -1.75 24.68
C LEU B 221 -15.10 -2.26 25.61
N THR B 222 -14.87 -2.16 26.92
CA THR B 222 -15.76 -2.81 27.88
C THR B 222 -16.21 -1.91 29.01
N HIS B 223 -16.63 -0.69 28.68
CA HIS B 223 -17.20 0.24 29.65
C HIS B 223 -18.71 0.33 29.46
#